data_8VK6
#
_entry.id   8VK6
#
_cell.length_a   76.686
_cell.length_b   65.537
_cell.length_c   80.962
_cell.angle_alpha   90.000
_cell.angle_beta   98.500
_cell.angle_gamma   90.000
#
_symmetry.space_group_name_H-M   'P 1 21 1'
#
loop_
_entity.id
_entity.type
_entity.pdbx_description
1 polymer 'Lanosterol 14-alpha demethylase'
2 non-polymer 'PROTOPORPHYRIN IX CONTAINING FE'
3 non-polymer "N-[(2S)-2-(2,4-difluorophenyl)-2-hydroxy-3-(1H-1,2,4-triazol-1-yl)propyl]-4'-(trifluoromethoxy)[1,1'-biphenyl]-4-carboxamide"
4 non-polymer 'PENTAETHYLENE GLYCOL'
5 non-polymer DODECYL-BETA-D-MALTOSIDE
6 water water
#
_entity_poly.entity_id   1
_entity_poly.type   'polypeptide(L)'
_entity_poly.pdbx_seq_one_letter_code
;MSATKSIVGEALEYVNIGLSHFLALPLAQRISLIIIIPFIYNIVWQLLYSLRKDRPPLVFYWIPWVGSAVVYGMKPYEFF
EECQKKYGDIFSFVLLGRVMTVYLGPKGHEFVFNAKLADVSAEAAYAHLTTPVFGKGVIYDCPNSRLMEQKKFVKGALTK
EAFKSYVPLIAEEVYKYFRDSKNFRLNERTTGTIDVMVTQPEMTIFTASRSLLGKEMRAKLDTDFAYLYSDLDKGFTPIN
FVFPNLPLEHYRKRDHAQKAISGTYMSLIKERRKNNDIQDRDLIDSLMKNSTYKDGVKMTDQEIANLLIGVLMGGQHTSA
ATSAWILLHLAERPDVQQELYEEQMRVLDGGKKELTYDLLQEMPLLNQTIKETLRMHHPLHSLFRKVMKDMHVPNTSYVI
PAGYHVLVSPGYTHLRDEYFPNAHQFNIHRWNNDSASSYSVGEEVDYGFGAISKGVSSPYLPFGGGRHRCIGEHFAYCQL
GVLMSIFIRTLKWHYPEGKTVPPPDFTSMVTLPTGPAKIIWEKRNPEQKIGGRHHHHHH
;
_entity_poly.pdbx_strand_id   A
#
loop_
_chem_comp.id
_chem_comp.type
_chem_comp.name
_chem_comp.formula
1PE non-polymer 'PENTAETHYLENE GLYCOL' 'C10 H22 O6'
A1AB6 non-polymer N-[(2S)-2-(2,4-difluorophenyl)-2-hydroxy-3-(1H-1,2,4-triazol-1-yl)propyl]-4'-(trifluoromethoxy)[1,1'-biphenyl]-4-carboxamide 'C25 H19 F5 N4 O3'
HEM non-polymer 'PROTOPORPHYRIN IX CONTAINING FE' 'C34 H32 Fe N4 O4'
LMT D-saccharide DODECYL-BETA-D-MALTOSIDE 'C24 H46 O11'
#
# COMPACT_ATOMS: atom_id res chain seq x y z
N SER A 6 28.55 54.83 21.87
CA SER A 6 28.13 53.77 20.96
C SER A 6 29.23 52.71 20.82
N ILE A 7 29.27 51.79 21.78
CA ILE A 7 30.33 50.79 21.86
C ILE A 7 29.85 49.48 21.23
N VAL A 8 29.18 49.59 20.09
CA VAL A 8 28.92 48.39 19.30
C VAL A 8 30.19 47.98 18.58
N GLY A 9 31.08 48.93 18.30
CA GLY A 9 32.34 48.60 17.66
C GLY A 9 33.18 47.66 18.49
N GLU A 10 33.35 47.99 19.79
CA GLU A 10 34.11 47.09 20.65
C GLU A 10 33.40 45.75 20.81
N ALA A 11 32.06 45.76 20.79
CA ALA A 11 31.32 44.51 20.84
C ALA A 11 31.57 43.67 19.60
N LEU A 12 31.58 44.29 18.42
CA LEU A 12 31.87 43.55 17.20
C LEU A 12 33.31 43.03 17.18
N GLU A 13 34.25 43.75 17.79
CA GLU A 13 35.61 43.22 17.92
C GLU A 13 35.62 41.94 18.76
N TYR A 14 34.87 41.94 19.87
CA TYR A 14 34.86 40.74 20.70
C TYR A 14 34.07 39.61 20.06
N VAL A 15 33.16 39.91 19.13
CA VAL A 15 32.58 38.84 18.31
C VAL A 15 33.68 38.15 17.50
N ASN A 16 34.48 38.94 16.77
CA ASN A 16 35.56 38.34 15.99
C ASN A 16 36.56 37.61 16.87
N ILE A 17 36.88 38.20 18.03
CA ILE A 17 37.75 37.53 19.00
C ILE A 17 37.13 36.22 19.48
N GLY A 18 35.83 36.24 19.81
CA GLY A 18 35.17 35.00 20.22
C GLY A 18 35.18 33.94 19.15
N LEU A 19 34.93 34.33 17.90
CA LEU A 19 34.99 33.38 16.80
C LEU A 19 36.39 32.76 16.70
N SER A 20 37.42 33.55 16.97
CA SER A 20 38.78 33.03 16.95
C SER A 20 39.03 32.09 18.14
N HIS A 21 38.55 32.47 19.33
CA HIS A 21 38.80 31.62 20.50
C HIS A 21 38.07 30.29 20.38
N PHE A 22 36.94 30.26 19.68
CA PHE A 22 36.26 29.00 19.43
C PHE A 22 37.19 27.98 18.80
N LEU A 23 37.93 28.39 17.76
CA LEU A 23 38.78 27.45 17.04
C LEU A 23 39.94 26.94 17.87
N ALA A 24 40.33 27.65 18.93
CA ALA A 24 41.40 27.20 19.81
C ALA A 24 40.91 26.29 20.94
N LEU A 25 39.65 25.87 20.92
CA LEU A 25 39.16 24.93 21.92
C LEU A 25 39.69 23.52 21.63
N PRO A 26 39.97 22.73 22.66
CA PRO A 26 40.31 21.33 22.42
C PRO A 26 39.22 20.63 21.61
N LEU A 27 39.64 19.70 20.75
CA LEU A 27 38.73 19.13 19.76
C LEU A 27 37.49 18.51 20.41
N ALA A 28 37.64 17.92 21.60
CA ALA A 28 36.49 17.35 22.28
C ALA A 28 35.47 18.41 22.64
N GLN A 29 35.94 19.58 23.09
CA GLN A 29 35.02 20.69 23.36
C GLN A 29 34.37 21.19 22.09
N ARG A 30 35.06 21.11 20.95
CA ARG A 30 34.49 21.53 19.69
C ARG A 30 33.35 20.60 19.27
N ILE A 31 33.63 19.30 19.22
CA ILE A 31 32.60 18.32 18.89
C ILE A 31 31.45 18.39 19.90
N SER A 32 31.79 18.51 21.19
CA SER A 32 30.76 18.71 22.20
C SER A 32 29.92 19.94 21.89
N LEU A 33 30.54 21.01 21.40
CA LEU A 33 29.79 22.21 21.02
C LEU A 33 29.05 22.01 19.70
N ILE A 34 29.60 21.18 18.80
CA ILE A 34 28.92 20.89 17.55
C ILE A 34 27.64 20.09 17.78
N ILE A 35 27.53 19.43 18.93
CA ILE A 35 26.36 18.63 19.25
C ILE A 35 25.41 19.36 20.20
N ILE A 36 25.94 20.06 21.20
CA ILE A 36 25.08 20.69 22.19
C ILE A 36 24.39 21.93 21.62
N ILE A 37 24.99 22.58 20.63
CA ILE A 37 24.48 23.86 20.13
C ILE A 37 23.28 23.64 19.21
N PRO A 38 23.30 22.70 18.27
CA PRO A 38 22.06 22.42 17.51
C PRO A 38 20.95 21.88 18.40
N PHE A 39 21.29 21.06 19.39
CA PHE A 39 20.28 20.55 20.31
C PHE A 39 19.59 21.68 21.05
N ILE A 40 20.37 22.59 21.65
CA ILE A 40 19.78 23.70 22.38
C ILE A 40 19.02 24.62 21.44
N TYR A 41 19.58 24.87 20.25
CA TYR A 41 18.88 25.72 19.29
C TYR A 41 17.57 25.09 18.85
N ASN A 42 17.55 23.77 18.67
CA ASN A 42 16.31 23.09 18.30
C ASN A 42 15.23 23.31 19.36
N ILE A 43 15.58 23.15 20.64
CA ILE A 43 14.63 23.39 21.72
C ILE A 43 14.17 24.84 21.70
N VAL A 44 15.10 25.78 21.55
CA VAL A 44 14.75 27.19 21.49
C VAL A 44 13.84 27.46 20.31
N TRP A 45 14.16 26.86 19.15
CA TRP A 45 13.35 27.08 17.95
C TRP A 45 11.93 26.55 18.14
N GLN A 46 11.78 25.37 18.73
CA GLN A 46 10.45 24.83 18.98
C GLN A 46 9.65 25.74 19.90
N LEU A 47 10.27 26.17 21.01
CA LEU A 47 9.59 27.10 21.92
C LEU A 47 9.13 28.35 21.20
N LEU A 48 9.99 28.92 20.35
CA LEU A 48 9.59 30.08 19.56
C LEU A 48 8.48 29.72 18.57
N TYR A 49 8.67 28.62 17.82
CA TYR A 49 7.67 28.19 16.85
C TYR A 49 6.30 28.03 17.52
N SER A 50 6.29 27.51 18.74
CA SER A 50 5.04 27.31 19.47
C SER A 50 4.26 28.60 19.63
N LEU A 51 4.93 29.75 19.57
CA LEU A 51 4.25 31.03 19.68
C LEU A 51 3.38 31.33 18.47
N ARG A 52 3.67 30.71 17.32
CA ARG A 52 2.98 31.07 16.08
C ARG A 52 1.53 30.61 16.11
N LYS A 53 0.66 31.46 15.57
CA LYS A 53 -0.77 31.18 15.43
C LYS A 53 -1.16 30.80 14.02
N ASP A 54 -0.28 30.99 13.04
CA ASP A 54 -0.52 30.57 11.67
C ASP A 54 0.12 29.22 11.36
N ARG A 55 0.41 28.44 12.39
CA ARG A 55 0.99 27.12 12.26
C ARG A 55 0.23 26.16 13.16
N PRO A 56 -0.04 24.94 12.70
CA PRO A 56 -0.58 23.91 13.58
C PRO A 56 0.41 23.63 14.69
N PRO A 57 -0.05 23.11 15.83
CA PRO A 57 0.89 22.71 16.88
C PRO A 57 1.90 21.69 16.35
N LEU A 58 3.15 21.85 16.76
CA LEU A 58 4.24 20.96 16.37
C LEU A 58 4.61 20.07 17.54
N VAL A 59 4.61 18.75 17.32
CA VAL A 59 4.92 17.81 18.39
C VAL A 59 6.35 18.03 18.88
N PHE A 60 6.51 18.18 20.18
CA PHE A 60 7.83 18.44 20.73
C PHE A 60 8.71 17.20 20.62
N TYR A 61 10.00 17.42 20.35
CA TYR A 61 10.96 16.34 20.17
C TYR A 61 12.33 16.82 20.64
N TRP A 62 13.18 15.86 21.06
CA TRP A 62 14.48 16.13 21.64
C TRP A 62 15.61 16.08 20.63
N ILE A 63 15.64 15.05 19.79
CA ILE A 63 16.73 14.83 18.84
C ILE A 63 16.47 15.66 17.59
N PRO A 64 17.32 16.64 17.27
CA PRO A 64 17.15 17.37 16.00
C PRO A 64 17.24 16.42 14.82
N TRP A 65 16.60 16.84 13.72
CA TRP A 65 16.49 16.08 12.48
C TRP A 65 15.67 14.80 12.64
N VAL A 66 16.04 13.94 13.59
CA VAL A 66 15.33 12.68 13.79
C VAL A 66 13.86 12.93 14.09
N GLY A 67 13.59 13.87 15.00
CA GLY A 67 12.22 14.18 15.35
C GLY A 67 11.54 13.02 16.06
N SER A 68 10.24 12.88 15.79
CA SER A 68 9.43 11.81 16.37
C SER A 68 9.48 10.51 15.57
N ALA A 69 10.50 10.34 14.72
CA ALA A 69 10.55 9.22 13.79
C ALA A 69 10.37 7.87 14.49
N VAL A 70 11.02 7.70 15.65
CA VAL A 70 11.01 6.39 16.31
C VAL A 70 9.60 6.03 16.75
N VAL A 71 8.94 6.94 17.46
CA VAL A 71 7.63 6.62 18.01
C VAL A 71 6.56 6.60 16.92
N TYR A 72 6.73 7.40 15.87
CA TYR A 72 5.81 7.34 14.75
C TYR A 72 5.94 6.02 13.98
N GLY A 73 7.18 5.58 13.75
CA GLY A 73 7.39 4.37 12.97
C GLY A 73 6.95 3.10 13.68
N MET A 74 7.10 3.05 15.00
CA MET A 74 6.71 1.86 15.75
C MET A 74 5.20 1.73 15.88
N LYS A 75 4.53 2.81 16.26
CA LYS A 75 3.09 2.79 16.54
C LYS A 75 2.45 4.08 16.03
N PRO A 76 2.34 4.23 14.70
CA PRO A 76 1.80 5.50 14.17
C PRO A 76 0.39 5.82 14.64
N TYR A 77 -0.48 4.82 14.77
CA TYR A 77 -1.85 5.12 15.20
C TYR A 77 -1.89 5.51 16.68
N GLU A 78 -1.08 4.86 17.51
CA GLU A 78 -1.00 5.27 18.91
C GLU A 78 -0.36 6.64 19.04
N PHE A 79 0.66 6.90 18.23
CA PHE A 79 1.23 8.24 18.13
C PHE A 79 0.15 9.26 17.79
N PHE A 80 -0.65 8.96 16.77
CA PHE A 80 -1.68 9.89 16.32
C PHE A 80 -2.72 10.13 17.41
N GLU A 81 -3.09 9.07 18.14
CA GLU A 81 -4.14 9.22 19.15
C GLU A 81 -3.68 10.14 20.28
N GLU A 82 -2.45 9.97 20.74
CA GLU A 82 -1.91 10.85 21.78
C GLU A 82 -1.82 12.28 21.30
N CYS A 83 -1.29 12.48 20.09
CA CYS A 83 -1.23 13.83 19.52
C CYS A 83 -2.63 14.42 19.37
N GLN A 84 -3.60 13.60 18.94
CA GLN A 84 -4.96 14.11 18.74
C GLN A 84 -5.57 14.56 20.07
N LYS A 85 -5.32 13.82 21.16
CA LYS A 85 -5.84 14.21 22.46
C LYS A 85 -5.30 15.57 22.89
N LYS A 86 -3.99 15.79 22.72
CA LYS A 86 -3.38 17.03 23.19
C LYS A 86 -3.68 18.20 22.26
N TYR A 87 -3.56 17.99 20.94
CA TYR A 87 -3.55 19.09 20.00
C TYR A 87 -4.75 19.15 19.06
N GLY A 88 -5.63 18.17 19.09
CA GLY A 88 -6.71 18.11 18.10
C GLY A 88 -6.26 17.45 16.80
N ASP A 89 -7.00 17.74 15.72
CA ASP A 89 -6.93 16.95 14.50
C ASP A 89 -5.80 17.36 13.56
N ILE A 90 -5.28 18.58 13.67
CA ILE A 90 -4.23 19.07 12.79
C ILE A 90 -3.01 19.38 13.64
N PHE A 91 -1.89 18.74 13.33
CA PHE A 91 -0.65 18.94 14.07
C PHE A 91 0.50 18.48 13.18
N SER A 92 1.69 18.99 13.47
CA SER A 92 2.88 18.65 12.71
C SER A 92 3.83 17.83 13.56
N PHE A 93 4.72 17.11 12.89
CA PHE A 93 5.83 16.48 13.58
C PHE A 93 7.02 16.38 12.64
N VAL A 94 8.19 16.35 13.22
CA VAL A 94 9.43 16.24 12.46
C VAL A 94 9.74 14.76 12.26
N LEU A 95 10.12 14.41 11.03
CA LEU A 95 10.38 13.03 10.65
C LEU A 95 11.62 13.02 9.76
N LEU A 96 12.76 12.70 10.33
CA LEU A 96 14.03 12.56 9.58
C LEU A 96 14.25 13.76 8.65
N GLY A 97 14.23 14.94 9.25
CA GLY A 97 14.48 16.17 8.53
C GLY A 97 13.29 16.76 7.79
N ARG A 98 12.18 16.05 7.73
CA ARG A 98 10.97 16.56 7.09
C ARG A 98 9.95 16.99 8.15
N VAL A 99 9.17 18.01 7.82
CA VAL A 99 8.06 18.44 8.66
C VAL A 99 6.77 17.85 8.08
N MET A 100 6.11 17.00 8.86
CA MET A 100 4.88 16.33 8.43
C MET A 100 3.70 16.98 9.14
N THR A 101 2.76 17.51 8.35
CA THR A 101 1.51 18.03 8.90
C THR A 101 0.40 16.99 8.70
N VAL A 102 -0.09 16.45 9.81
CA VAL A 102 -1.15 15.46 9.85
C VAL A 102 -2.49 16.16 9.94
N TYR A 103 -3.48 15.69 9.18
CA TYR A 103 -4.86 16.17 9.29
C TYR A 103 -5.76 14.94 9.42
N LEU A 104 -6.17 14.62 10.65
CA LEU A 104 -6.92 13.41 10.94
C LEU A 104 -8.40 13.58 10.63
N GLY A 105 -9.05 12.46 10.33
CA GLY A 105 -10.49 12.41 10.17
C GLY A 105 -10.96 12.79 8.78
N PRO A 106 -12.28 12.76 8.58
CA PRO A 106 -12.83 13.05 7.25
C PRO A 106 -12.45 14.40 6.67
N LYS A 107 -12.31 15.44 7.51
CA LYS A 107 -11.89 16.73 6.95
C LYS A 107 -10.45 16.68 6.47
N GLY A 108 -9.61 15.86 7.11
CA GLY A 108 -8.26 15.68 6.62
C GLY A 108 -8.22 14.89 5.33
N HIS A 109 -9.13 13.92 5.17
CA HIS A 109 -9.26 13.24 3.88
C HIS A 109 -9.50 14.26 2.78
N GLU A 110 -10.42 15.20 3.05
CA GLU A 110 -10.74 16.23 2.06
C GLU A 110 -9.55 17.15 1.83
N PHE A 111 -8.89 17.58 2.89
CA PHE A 111 -7.77 18.50 2.78
C PHE A 111 -6.64 17.92 1.94
N VAL A 112 -6.34 16.63 2.10
CA VAL A 112 -5.20 16.03 1.40
C VAL A 112 -5.60 15.37 0.09
N PHE A 113 -6.60 14.48 0.10
CA PHE A 113 -6.92 13.75 -1.13
C PHE A 113 -7.52 14.65 -2.20
N ASN A 114 -8.22 15.72 -1.82
CA ASN A 114 -8.82 16.63 -2.78
C ASN A 114 -8.05 17.94 -2.94
N ALA A 115 -6.83 18.01 -2.42
CA ALA A 115 -6.04 19.22 -2.59
C ALA A 115 -5.73 19.46 -4.06
N LYS A 116 -5.55 20.74 -4.39
CA LYS A 116 -5.28 21.15 -5.76
C LYS A 116 -3.96 20.56 -6.25
N LEU A 117 -3.94 20.15 -7.51
CA LEU A 117 -2.69 19.73 -8.15
C LEU A 117 -1.59 20.76 -7.97
N ALA A 118 -1.94 22.06 -7.99
CA ALA A 118 -0.94 23.10 -7.83
C ALA A 118 -0.40 23.16 -6.41
N ASP A 119 -1.18 22.72 -5.41
CA ASP A 119 -0.79 22.87 -4.02
C ASP A 119 0.13 21.77 -3.53
N VAL A 120 -0.08 20.52 -3.97
CA VAL A 120 0.64 19.37 -3.42
C VAL A 120 1.12 18.47 -4.54
N SER A 121 2.11 17.65 -4.21
CA SER A 121 2.73 16.76 -5.20
C SER A 121 2.97 15.40 -4.56
N ALA A 122 2.29 14.38 -5.08
CA ALA A 122 2.56 13.01 -4.63
C ALA A 122 3.92 12.53 -5.14
N GLU A 123 4.25 12.84 -6.40
CA GLU A 123 5.48 12.27 -6.95
C GLU A 123 6.73 12.79 -6.24
N ALA A 124 6.67 14.03 -5.73
CA ALA A 124 7.81 14.56 -4.97
C ALA A 124 7.96 13.87 -3.63
N ALA A 125 6.88 13.33 -3.08
CA ALA A 125 6.95 12.58 -1.84
C ALA A 125 7.41 11.14 -2.07
N TYR A 126 7.05 10.55 -3.21
CA TYR A 126 7.15 9.13 -3.43
C TYR A 126 8.25 8.70 -4.40
N ALA A 127 8.79 9.61 -5.20
CA ALA A 127 9.67 9.20 -6.31
C ALA A 127 10.83 8.31 -5.84
N HIS A 128 11.48 8.69 -4.75
CA HIS A 128 12.61 7.90 -4.27
C HIS A 128 12.15 6.55 -3.73
N LEU A 129 10.92 6.46 -3.27
CA LEU A 129 10.41 5.20 -2.75
C LEU A 129 10.25 4.16 -3.85
N THR A 130 9.71 4.55 -5.00
CA THR A 130 9.25 3.62 -6.03
C THR A 130 10.13 3.56 -7.27
N THR A 131 10.63 4.69 -7.74
CA THR A 131 11.40 4.68 -8.98
C THR A 131 12.59 3.71 -9.00
N PRO A 132 13.36 3.53 -7.92
CA PRO A 132 14.45 2.52 -7.97
C PRO A 132 13.94 1.10 -8.08
N VAL A 133 12.67 0.85 -7.76
CA VAL A 133 12.11 -0.49 -7.85
C VAL A 133 11.46 -0.73 -9.21
N PHE A 134 10.62 0.20 -9.66
CA PHE A 134 9.85 0.01 -10.88
C PHE A 134 10.68 0.31 -12.13
N GLY A 135 11.52 1.34 -12.05
CA GLY A 135 12.22 1.85 -13.22
C GLY A 135 11.70 3.22 -13.60
N LYS A 136 12.33 3.80 -14.61
CA LYS A 136 12.14 5.20 -14.95
C LYS A 136 10.90 5.43 -15.78
N GLY A 137 10.42 6.68 -15.74
CA GLY A 137 9.43 7.17 -16.67
C GLY A 137 7.99 6.84 -16.35
N VAL A 138 7.69 6.16 -15.24
CA VAL A 138 6.31 5.77 -14.95
C VAL A 138 5.99 6.01 -13.48
N ILE A 139 4.70 6.06 -13.20
CA ILE A 139 4.13 6.24 -11.86
C ILE A 139 4.55 7.56 -11.22
N TYR A 140 5.62 7.57 -10.43
CA TYR A 140 6.06 8.83 -9.82
C TYR A 140 7.31 9.42 -10.47
N ASP A 141 7.86 8.76 -11.47
CA ASP A 141 8.99 9.34 -12.20
C ASP A 141 8.52 9.97 -13.52
N CYS A 142 7.53 10.85 -13.42
CA CYS A 142 6.89 11.49 -14.56
C CYS A 142 5.90 12.52 -14.04
N PRO A 143 5.47 13.45 -14.89
CA PRO A 143 4.47 14.44 -14.45
C PRO A 143 3.13 13.78 -14.15
N ASN A 144 2.31 14.51 -13.37
CA ASN A 144 1.02 13.97 -12.93
C ASN A 144 0.16 13.59 -14.13
N SER A 145 0.17 14.39 -15.20
CA SER A 145 -0.68 14.07 -16.35
C SER A 145 -0.31 12.72 -16.97
N ARG A 146 0.98 12.35 -16.95
CA ARG A 146 1.37 11.03 -17.43
C ARG A 146 0.82 9.94 -16.51
N LEU A 147 1.02 10.09 -15.21
CA LEU A 147 0.43 9.15 -14.25
C LEU A 147 -1.06 8.96 -14.50
N MET A 148 -1.81 10.06 -14.65
CA MET A 148 -3.25 9.93 -14.90
C MET A 148 -3.51 9.04 -16.11
N GLU A 149 -2.77 9.24 -17.20
CA GLU A 149 -3.09 8.42 -18.35
C GLU A 149 -2.57 6.99 -18.19
N GLN A 150 -1.46 6.80 -17.48
CA GLN A 150 -1.04 5.43 -17.22
C GLN A 150 -2.11 4.67 -16.43
N LYS A 151 -2.75 5.35 -15.48
CA LYS A 151 -3.85 4.71 -14.75
C LYS A 151 -5.00 4.37 -15.70
N LYS A 152 -5.30 5.28 -16.64
CA LYS A 152 -6.30 4.99 -17.66
C LYS A 152 -5.92 3.76 -18.49
N PHE A 153 -4.66 3.66 -18.90
CA PHE A 153 -4.24 2.51 -19.70
C PHE A 153 -4.44 1.22 -18.92
N VAL A 154 -3.97 1.17 -17.68
CA VAL A 154 -4.11 -0.04 -16.88
C VAL A 154 -5.57 -0.39 -16.67
N LYS A 155 -6.42 0.62 -16.48
CA LYS A 155 -7.85 0.37 -16.24
C LYS A 155 -8.50 -0.35 -17.42
N GLY A 156 -7.93 -0.21 -18.62
CA GLY A 156 -8.48 -0.86 -19.79
C GLY A 156 -8.41 -2.37 -19.74
N ALA A 157 -7.49 -2.91 -18.95
CA ALA A 157 -7.48 -4.35 -18.69
C ALA A 157 -8.23 -4.71 -17.40
N LEU A 158 -8.94 -3.75 -16.81
CA LEU A 158 -9.65 -4.03 -15.56
C LEU A 158 -11.15 -3.82 -15.74
N THR A 159 -11.70 -4.35 -16.82
CA THR A 159 -13.12 -4.27 -17.13
C THR A 159 -13.84 -5.49 -16.58
N LYS A 160 -15.18 -5.38 -16.49
CA LYS A 160 -15.99 -6.53 -16.07
C LYS A 160 -15.71 -7.75 -16.91
N GLU A 161 -15.56 -7.58 -18.22
CA GLU A 161 -15.29 -8.71 -19.10
C GLU A 161 -13.93 -9.31 -18.79
N ALA A 162 -12.94 -8.47 -18.47
CA ALA A 162 -11.65 -9.00 -18.03
C ALA A 162 -11.80 -9.82 -16.76
N PHE A 163 -12.55 -9.31 -15.77
CA PHE A 163 -12.69 -10.07 -14.53
C PHE A 163 -13.38 -11.41 -14.79
N LYS A 164 -14.34 -11.43 -15.73
CA LYS A 164 -15.00 -12.69 -16.04
C LYS A 164 -14.00 -13.72 -16.55
N SER A 165 -12.99 -13.27 -17.30
CA SER A 165 -11.98 -14.21 -17.75
C SER A 165 -10.97 -14.50 -16.66
N TYR A 166 -10.75 -13.56 -15.72
CA TYR A 166 -9.72 -13.79 -14.71
C TYR A 166 -10.15 -14.83 -13.68
N VAL A 167 -11.43 -14.86 -13.35
CA VAL A 167 -11.93 -15.72 -12.26
C VAL A 167 -11.47 -17.17 -12.45
N PRO A 168 -11.77 -17.85 -13.55
CA PRO A 168 -11.29 -19.24 -13.68
C PRO A 168 -9.78 -19.35 -13.69
N LEU A 169 -9.06 -18.34 -14.19
CA LEU A 169 -7.61 -18.38 -14.15
C LEU A 169 -7.09 -18.28 -12.72
N ILE A 170 -7.67 -17.38 -11.93
CA ILE A 170 -7.28 -17.24 -10.54
C ILE A 170 -7.65 -18.50 -9.77
N ALA A 171 -8.86 -19.04 -10.03
CA ALA A 171 -9.27 -20.28 -9.39
C ALA A 171 -8.29 -21.41 -9.72
N GLU A 172 -7.94 -21.57 -11.00
CA GLU A 172 -6.98 -22.60 -11.37
C GLU A 172 -5.69 -22.45 -10.59
N GLU A 173 -5.17 -21.23 -10.45
CA GLU A 173 -3.92 -21.04 -9.72
C GLU A 173 -4.05 -21.41 -8.25
N VAL A 174 -5.16 -21.02 -7.61
CA VAL A 174 -5.34 -21.40 -6.21
C VAL A 174 -5.31 -22.92 -6.07
N TYR A 175 -6.09 -23.63 -6.89
CA TYR A 175 -6.14 -25.09 -6.82
C TYR A 175 -4.78 -25.70 -7.11
N LYS A 176 -4.06 -25.13 -8.08
CA LYS A 176 -2.71 -25.60 -8.37
C LYS A 176 -1.81 -25.43 -7.16
N TYR A 177 -1.90 -24.28 -6.48
CA TYR A 177 -1.10 -24.08 -5.28
C TYR A 177 -1.46 -25.08 -4.18
N PHE A 178 -2.77 -25.26 -3.91
CA PHE A 178 -3.17 -26.27 -2.93
C PHE A 178 -2.57 -27.63 -3.26
N ARG A 179 -2.56 -27.99 -4.55
CA ARG A 179 -2.08 -29.29 -4.98
C ARG A 179 -0.56 -29.40 -4.83
N ASP A 180 0.18 -28.39 -5.31
CA ASP A 180 1.63 -28.54 -5.51
C ASP A 180 2.48 -27.91 -4.42
N SER A 181 2.01 -26.86 -3.75
CA SER A 181 2.85 -26.20 -2.76
C SER A 181 3.13 -27.14 -1.59
N LYS A 182 4.39 -27.15 -1.14
CA LYS A 182 4.77 -27.89 0.06
C LYS A 182 3.98 -27.43 1.28
N ASN A 183 3.45 -26.20 1.24
CA ASN A 183 2.64 -25.70 2.35
C ASN A 183 1.30 -26.41 2.46
N PHE A 184 0.84 -27.08 1.41
CA PHE A 184 -0.46 -27.72 1.42
C PHE A 184 -0.38 -29.19 1.02
N ARG A 185 -0.26 -29.47 -0.29
CA ARG A 185 -0.23 -30.83 -0.83
C ARG A 185 -1.50 -31.60 -0.44
N LEU A 186 -2.65 -31.02 -0.82
CA LEU A 186 -3.94 -31.55 -0.40
C LEU A 186 -4.19 -32.97 -0.88
N ASN A 187 -3.52 -33.39 -1.96
CA ASN A 187 -3.68 -34.77 -2.40
C ASN A 187 -2.98 -35.75 -1.48
N GLU A 188 -2.04 -35.26 -0.65
CA GLU A 188 -1.24 -36.10 0.23
C GLU A 188 -1.44 -35.85 1.72
N ARG A 189 -1.93 -34.67 2.11
CA ARG A 189 -2.08 -34.31 3.52
C ARG A 189 -3.50 -33.78 3.75
N THR A 190 -4.10 -34.17 4.87
CA THR A 190 -5.41 -33.64 5.25
C THR A 190 -5.32 -32.50 6.25
N THR A 191 -4.14 -32.25 6.82
CA THR A 191 -3.95 -31.17 7.76
C THR A 191 -2.50 -30.71 7.70
N GLY A 192 -2.28 -29.45 8.04
CA GLY A 192 -0.93 -28.91 8.04
C GLY A 192 -0.89 -27.55 8.74
N THR A 193 0.33 -27.09 8.98
CA THR A 193 0.58 -25.77 9.58
C THR A 193 1.27 -24.90 8.54
N ILE A 194 0.79 -23.65 8.37
CA ILE A 194 1.40 -22.73 7.43
C ILE A 194 1.68 -21.40 8.11
N ASP A 195 2.70 -20.72 7.62
CA ASP A 195 2.94 -19.31 7.90
C ASP A 195 2.25 -18.50 6.80
N VAL A 196 1.25 -17.70 7.17
CA VAL A 196 0.47 -17.03 6.14
C VAL A 196 1.29 -15.98 5.40
N MET A 197 2.39 -15.49 5.99
CA MET A 197 3.26 -14.58 5.25
C MET A 197 4.24 -15.32 4.36
N VAL A 198 4.16 -16.66 4.29
CA VAL A 198 4.76 -17.43 3.23
C VAL A 198 3.75 -17.73 2.14
N THR A 199 2.60 -18.31 2.51
CA THR A 199 1.66 -18.77 1.51
C THR A 199 1.01 -17.61 0.76
N GLN A 200 0.64 -16.54 1.47
CA GLN A 200 -0.16 -15.52 0.81
C GLN A 200 0.65 -14.70 -0.22
N PRO A 201 1.89 -14.26 0.07
CA PRO A 201 2.66 -13.64 -1.01
C PRO A 201 2.85 -14.57 -2.20
N GLU A 202 3.01 -15.87 -1.97
CA GLU A 202 3.16 -16.80 -3.09
C GLU A 202 1.86 -16.95 -3.87
N MET A 203 0.74 -17.14 -3.18
CA MET A 203 -0.52 -17.29 -3.92
C MET A 203 -0.85 -16.01 -4.65
N THR A 204 -0.50 -14.87 -4.06
CA THR A 204 -0.84 -13.60 -4.66
C THR A 204 -0.07 -13.37 -5.95
N ILE A 205 1.23 -13.70 -5.96
CA ILE A 205 1.98 -13.45 -7.20
C ILE A 205 1.58 -14.47 -8.28
N PHE A 206 1.35 -15.74 -7.89
CA PHE A 206 0.87 -16.73 -8.86
C PHE A 206 -0.46 -16.30 -9.49
N THR A 207 -1.45 -15.89 -8.67
CA THR A 207 -2.75 -15.53 -9.23
C THR A 207 -2.66 -14.23 -10.04
N ALA A 208 -1.90 -13.26 -9.57
CA ALA A 208 -1.83 -11.98 -10.26
C ALA A 208 -0.99 -12.07 -11.53
N SER A 209 0.10 -12.83 -11.50
CA SER A 209 0.87 -12.95 -12.74
C SER A 209 0.06 -13.69 -13.80
N ARG A 210 -0.67 -14.74 -13.43
CA ARG A 210 -1.42 -15.50 -14.42
CA ARG A 210 -1.42 -15.50 -14.41
C ARG A 210 -2.49 -14.64 -15.09
N SER A 211 -3.21 -13.82 -14.31
CA SER A 211 -4.31 -13.04 -14.86
C SER A 211 -3.88 -11.71 -15.49
N LEU A 212 -3.06 -10.92 -14.79
CA LEU A 212 -2.65 -9.63 -15.36
C LEU A 212 -1.49 -9.80 -16.35
N LEU A 213 -0.51 -10.61 -16.01
CA LEU A 213 0.65 -10.66 -16.91
C LEU A 213 0.46 -11.66 -18.05
N GLY A 214 -0.17 -12.79 -17.80
CA GLY A 214 -0.46 -13.77 -18.81
C GLY A 214 0.31 -15.07 -18.58
N LYS A 215 0.01 -16.05 -19.45
CA LYS A 215 0.50 -17.40 -19.23
C LYS A 215 2.01 -17.48 -19.34
N GLU A 216 2.60 -16.72 -20.27
CA GLU A 216 4.05 -16.73 -20.43
C GLU A 216 4.75 -16.30 -19.15
N MET A 217 4.31 -15.18 -18.57
CA MET A 217 5.01 -14.67 -17.40
C MET A 217 4.71 -15.51 -16.16
N ARG A 218 3.52 -16.11 -16.10
CA ARG A 218 3.29 -17.08 -15.03
C ARG A 218 4.21 -18.28 -15.17
N ALA A 219 4.37 -18.79 -16.41
CA ALA A 219 5.27 -19.93 -16.62
C ALA A 219 6.67 -19.64 -16.07
N LYS A 220 7.12 -18.38 -16.18
CA LYS A 220 8.46 -18.02 -15.72
C LYS A 220 8.63 -18.25 -14.23
N LEU A 221 7.56 -18.08 -13.45
CA LEU A 221 7.67 -18.24 -12.00
C LEU A 221 7.94 -19.69 -11.60
N ASP A 222 7.83 -20.64 -12.50
CA ASP A 222 8.21 -22.02 -12.24
C ASP A 222 9.70 -22.28 -12.49
N THR A 223 10.50 -21.24 -12.71
CA THR A 223 11.94 -21.38 -12.93
C THR A 223 12.70 -20.53 -11.91
N ASP A 224 14.04 -20.51 -12.07
CA ASP A 224 14.89 -19.68 -11.22
C ASP A 224 14.62 -18.21 -11.42
N PHE A 225 13.85 -17.85 -12.46
CA PHE A 225 13.44 -16.47 -12.63
C PHE A 225 12.69 -15.95 -11.41
N ALA A 226 12.02 -16.85 -10.68
CA ALA A 226 11.29 -16.45 -9.47
C ALA A 226 12.20 -15.78 -8.45
N TYR A 227 13.50 -16.10 -8.45
CA TYR A 227 14.41 -15.46 -7.50
C TYR A 227 14.56 -13.98 -7.79
N LEU A 228 14.49 -13.59 -9.06
CA LEU A 228 14.55 -12.17 -9.40
C LEU A 228 13.38 -11.42 -8.76
N TYR A 229 12.19 -12.02 -8.77
CA TYR A 229 11.05 -11.37 -8.11
C TYR A 229 11.31 -11.15 -6.63
N SER A 230 11.85 -12.16 -5.94
CA SER A 230 12.22 -11.97 -4.54
C SER A 230 13.22 -10.84 -4.37
N ASP A 231 14.27 -10.83 -5.19
CA ASP A 231 15.27 -9.76 -5.11
C ASP A 231 14.62 -8.39 -5.30
N LEU A 232 13.71 -8.28 -6.27
CA LEU A 232 13.04 -7.00 -6.50
C LEU A 232 12.11 -6.67 -5.34
N ASP A 233 11.40 -7.68 -4.83
CA ASP A 233 10.49 -7.47 -3.71
C ASP A 233 11.23 -6.95 -2.48
N LYS A 234 12.45 -7.44 -2.24
CA LYS A 234 13.24 -6.95 -1.11
C LYS A 234 13.64 -5.50 -1.27
N GLY A 235 13.77 -5.02 -2.52
CA GLY A 235 14.04 -3.62 -2.74
C GLY A 235 12.86 -2.70 -2.46
N PHE A 236 11.65 -3.25 -2.35
CA PHE A 236 10.44 -2.47 -2.12
C PHE A 236 10.29 -2.28 -0.62
N THR A 237 10.90 -1.22 -0.09
CA THR A 237 10.98 -1.04 1.35
C THR A 237 11.02 0.44 1.68
N PRO A 238 10.44 0.85 2.82
CA PRO A 238 10.47 2.28 3.20
C PRO A 238 11.85 2.85 3.46
N ILE A 239 12.88 2.00 3.56
CA ILE A 239 14.25 2.52 3.63
C ILE A 239 14.58 3.37 2.41
N ASN A 240 13.92 3.10 1.28
CA ASN A 240 14.20 3.88 0.06
C ASN A 240 13.87 5.36 0.25
N PHE A 241 12.96 5.68 1.16
CA PHE A 241 12.70 7.08 1.50
C PHE A 241 13.97 7.81 1.91
N VAL A 242 14.84 7.13 2.66
CA VAL A 242 16.06 7.71 3.17
C VAL A 242 17.26 7.32 2.31
N PHE A 243 17.39 6.03 2.01
CA PHE A 243 18.54 5.51 1.25
C PHE A 243 18.05 4.81 -0.01
N PRO A 244 17.67 5.57 -1.05
CA PRO A 244 17.19 4.91 -2.28
C PRO A 244 18.28 4.14 -3.00
N ASN A 245 19.54 4.57 -2.89
CA ASN A 245 20.66 3.87 -3.49
C ASN A 245 21.84 3.92 -2.52
N LEU A 246 22.27 2.75 -2.07
CA LEU A 246 23.52 2.60 -1.35
C LEU A 246 24.36 1.54 -2.05
N PRO A 247 25.70 1.71 -2.07
CA PRO A 247 26.53 0.74 -2.81
C PRO A 247 26.65 -0.61 -2.12
N LEU A 248 25.52 -1.20 -1.75
CA LEU A 248 25.48 -2.50 -1.09
C LEU A 248 24.89 -3.54 -2.05
N GLU A 249 24.91 -4.80 -1.61
CA GLU A 249 24.46 -5.90 -2.45
C GLU A 249 22.93 -5.96 -2.56
N HIS A 250 22.22 -5.61 -1.49
CA HIS A 250 20.76 -5.53 -1.56
C HIS A 250 20.34 -4.62 -2.71
N TYR A 251 21.01 -3.49 -2.86
CA TYR A 251 20.65 -2.54 -3.90
C TYR A 251 21.02 -3.06 -5.29
N ARG A 252 22.19 -3.69 -5.42
CA ARG A 252 22.58 -4.17 -6.75
C ARG A 252 21.77 -5.40 -7.15
N LYS A 253 21.38 -6.23 -6.18
CA LYS A 253 20.43 -7.30 -6.49
C LYS A 253 19.09 -6.72 -6.93
N ARG A 254 18.65 -5.64 -6.30
CA ARG A 254 17.41 -5.00 -6.69
C ARG A 254 17.48 -4.46 -8.11
N ASP A 255 18.53 -3.67 -8.39
CA ASP A 255 18.65 -3.08 -9.72
C ASP A 255 18.75 -4.13 -10.79
N HIS A 256 19.51 -5.20 -10.52
CA HIS A 256 19.69 -6.27 -11.48
C HIS A 256 18.36 -6.94 -11.79
N ALA A 257 17.59 -7.23 -10.75
CA ALA A 257 16.28 -7.85 -10.93
C ALA A 257 15.36 -6.95 -11.75
N GLN A 258 15.36 -5.64 -11.48
CA GLN A 258 14.52 -4.74 -12.25
C GLN A 258 14.89 -4.79 -13.73
N LYS A 259 16.19 -4.81 -14.03
CA LYS A 259 16.59 -4.88 -15.42
C LYS A 259 16.18 -6.21 -16.05
N ALA A 260 16.37 -7.32 -15.33
CA ALA A 260 16.08 -8.63 -15.91
C ALA A 260 14.58 -8.88 -16.01
N ILE A 261 13.79 -8.42 -15.04
CA ILE A 261 12.36 -8.63 -15.13
C ILE A 261 11.76 -7.77 -16.23
N SER A 262 12.10 -6.48 -16.26
CA SER A 262 11.62 -5.63 -17.34
C SER A 262 12.14 -6.11 -18.68
N GLY A 263 13.36 -6.66 -18.70
CA GLY A 263 13.87 -7.24 -19.94
C GLY A 263 13.03 -8.41 -20.41
N THR A 264 12.57 -9.23 -19.47
CA THR A 264 11.71 -10.34 -19.81
C THR A 264 10.39 -9.85 -20.38
N TYR A 265 9.76 -8.85 -19.71
CA TYR A 265 8.54 -8.28 -20.24
C TYR A 265 8.77 -7.71 -21.64
N MET A 266 9.85 -6.95 -21.82
CA MET A 266 10.13 -6.36 -23.12
C MET A 266 10.35 -7.44 -24.18
N SER A 267 10.97 -8.56 -23.80
CA SER A 267 11.18 -9.62 -24.78
C SER A 267 9.85 -10.17 -25.25
N LEU A 268 8.92 -10.39 -24.33
CA LEU A 268 7.60 -10.85 -24.72
C LEU A 268 6.88 -9.81 -25.56
N ILE A 269 7.01 -8.54 -25.18
CA ILE A 269 6.34 -7.45 -25.89
C ILE A 269 6.83 -7.40 -27.34
N LYS A 270 8.15 -7.40 -27.52
CA LYS A 270 8.69 -7.30 -28.87
C LYS A 270 8.38 -8.56 -29.68
N GLU A 271 8.39 -9.73 -29.03
CA GLU A 271 8.04 -10.95 -29.75
C GLU A 271 6.58 -10.94 -30.21
N ARG A 272 5.66 -10.50 -29.34
CA ARG A 272 4.26 -10.37 -29.75
C ARG A 272 4.09 -9.42 -30.92
N ARG A 273 4.78 -8.28 -30.89
CA ARG A 273 4.62 -7.32 -31.97
C ARG A 273 5.20 -7.88 -33.27
N LYS A 274 6.38 -8.48 -33.19
CA LYS A 274 6.99 -9.16 -34.34
C LYS A 274 6.02 -10.16 -34.97
N ASN A 275 5.42 -11.03 -34.17
CA ASN A 275 4.54 -12.07 -34.67
C ASN A 275 3.12 -11.58 -34.94
N ASN A 276 2.88 -10.28 -34.78
CA ASN A 276 1.53 -9.72 -34.86
C ASN A 276 0.56 -10.41 -33.90
N ASP A 277 1.10 -10.94 -32.80
CA ASP A 277 0.32 -11.73 -31.84
C ASP A 277 -0.09 -10.83 -30.69
N ILE A 278 -1.08 -9.98 -30.94
CA ILE A 278 -1.60 -9.03 -29.95
C ILE A 278 -3.10 -9.25 -29.86
N GLN A 279 -3.55 -9.94 -28.81
CA GLN A 279 -4.98 -10.16 -28.63
C GLN A 279 -5.53 -9.34 -27.46
N ASP A 280 -6.38 -9.97 -26.66
CA ASP A 280 -7.01 -9.39 -25.48
C ASP A 280 -6.85 -10.33 -24.29
N ARG A 281 -5.64 -10.88 -24.13
CA ARG A 281 -5.42 -11.91 -23.12
C ARG A 281 -5.15 -11.29 -21.74
N ASP A 282 -4.28 -10.29 -21.68
CA ASP A 282 -3.71 -9.85 -20.42
C ASP A 282 -3.41 -8.35 -20.49
N LEU A 283 -2.87 -7.82 -19.39
CA LEU A 283 -2.53 -6.40 -19.32
C LEU A 283 -1.43 -6.04 -20.31
N ILE A 284 -0.60 -7.00 -20.70
CA ILE A 284 0.47 -6.69 -21.64
C ILE A 284 -0.11 -6.39 -23.02
N ASP A 285 -0.98 -7.28 -23.53
CA ASP A 285 -1.74 -7.00 -24.74
C ASP A 285 -2.40 -5.63 -24.68
N SER A 286 -3.09 -5.36 -23.58
CA SER A 286 -3.81 -4.10 -23.42
C SER A 286 -2.88 -2.90 -23.52
N LEU A 287 -1.74 -2.93 -22.80
CA LEU A 287 -0.83 -1.81 -22.88
C LEU A 287 -0.18 -1.72 -24.26
N MET A 288 0.00 -2.84 -24.95
CA MET A 288 0.57 -2.77 -26.30
C MET A 288 -0.38 -2.04 -27.26
N LYS A 289 -1.69 -2.25 -27.10
CA LYS A 289 -2.69 -1.62 -27.95
C LYS A 289 -3.07 -0.21 -27.50
N ASN A 290 -2.86 0.12 -26.23
CA ASN A 290 -3.45 1.33 -25.66
C ASN A 290 -2.42 1.91 -24.69
N SER A 291 -1.45 2.63 -25.23
CA SER A 291 -0.47 3.32 -24.39
C SER A 291 0.05 4.58 -25.08
N THR A 292 -0.85 5.33 -25.72
CA THR A 292 -0.49 6.59 -26.37
C THR A 292 -1.06 7.75 -25.56
N TYR A 293 -0.18 8.60 -25.05
CA TYR A 293 -0.61 9.78 -24.31
C TYR A 293 -1.35 10.78 -25.22
N LYS A 294 -2.09 11.68 -24.58
CA LYS A 294 -2.95 12.58 -25.34
C LYS A 294 -2.18 13.65 -26.12
N ASP A 295 -0.87 13.80 -25.90
CA ASP A 295 -0.04 14.60 -26.81
C ASP A 295 0.60 13.75 -27.90
N GLY A 296 0.15 12.51 -28.07
CA GLY A 296 0.64 11.63 -29.11
C GLY A 296 1.94 10.91 -28.83
N VAL A 297 2.64 11.24 -27.73
CA VAL A 297 3.81 10.45 -27.34
C VAL A 297 3.37 9.06 -26.93
N LYS A 298 4.12 8.05 -27.38
CA LYS A 298 3.85 6.66 -27.01
C LYS A 298 4.79 6.23 -25.89
N MET A 299 4.28 5.43 -24.96
CA MET A 299 5.15 4.79 -23.98
C MET A 299 6.13 3.88 -24.72
N THR A 300 7.38 3.90 -24.27
CA THR A 300 8.35 2.95 -24.80
C THR A 300 8.12 1.56 -24.23
N ASP A 301 8.74 0.57 -24.85
CA ASP A 301 8.64 -0.80 -24.33
C ASP A 301 9.19 -0.89 -22.93
N GLN A 302 10.26 -0.13 -22.64
CA GLN A 302 10.80 -0.08 -21.29
C GLN A 302 9.78 0.51 -20.31
N GLU A 303 9.12 1.61 -20.69
CA GLU A 303 8.14 2.21 -19.78
C GLU A 303 6.93 1.30 -19.58
N ILE A 304 6.48 0.64 -20.65
CA ILE A 304 5.42 -0.36 -20.48
C ILE A 304 5.83 -1.42 -19.47
N ALA A 305 7.03 -1.98 -19.63
CA ALA A 305 7.54 -2.97 -18.69
C ALA A 305 7.63 -2.40 -17.27
N ASN A 306 8.12 -1.17 -17.13
CA ASN A 306 8.26 -0.59 -15.80
C ASN A 306 6.90 -0.36 -15.16
N LEU A 307 5.89 -0.04 -15.96
CA LEU A 307 4.54 0.16 -15.42
C LEU A 307 3.94 -1.17 -14.97
N LEU A 308 4.17 -2.22 -15.77
CA LEU A 308 3.78 -3.56 -15.38
C LEU A 308 4.41 -3.95 -14.04
N ILE A 309 5.70 -3.65 -13.85
CA ILE A 309 6.36 -3.92 -12.57
C ILE A 309 5.64 -3.20 -11.44
N GLY A 310 5.43 -1.90 -11.59
CA GLY A 310 4.81 -1.11 -10.54
C GLY A 310 3.43 -1.61 -10.17
N VAL A 311 2.59 -1.88 -11.18
CA VAL A 311 1.22 -2.37 -10.94
C VAL A 311 1.25 -3.70 -10.20
N LEU A 312 2.10 -4.62 -10.65
CA LEU A 312 2.15 -5.95 -10.06
C LEU A 312 2.73 -5.89 -8.67
N MET A 313 3.71 -5.00 -8.46
CA MET A 313 4.36 -4.89 -7.16
C MET A 313 3.46 -4.22 -6.13
N GLY A 314 2.79 -3.12 -6.51
CA GLY A 314 1.83 -2.51 -5.60
C GLY A 314 0.68 -3.43 -5.27
N GLY A 315 0.06 -4.03 -6.29
CA GLY A 315 -1.01 -4.97 -6.07
C GLY A 315 -0.58 -6.17 -5.25
N GLN A 316 0.69 -6.59 -5.40
CA GLN A 316 1.26 -7.69 -4.63
C GLN A 316 1.21 -7.44 -3.13
N HIS A 317 1.74 -6.30 -2.70
CA HIS A 317 1.87 -6.09 -1.26
C HIS A 317 0.54 -5.83 -0.60
N THR A 318 -0.32 -5.00 -1.21
CA THR A 318 -1.62 -4.75 -0.60
C THR A 318 -2.46 -6.03 -0.54
N SER A 319 -2.49 -6.80 -1.62
CA SER A 319 -3.42 -7.93 -1.60
C SER A 319 -2.90 -9.07 -0.71
N ALA A 320 -1.60 -9.38 -0.80
CA ALA A 320 -1.03 -10.43 0.05
C ALA A 320 -1.20 -10.11 1.53
N ALA A 321 -0.95 -8.86 1.92
CA ALA A 321 -1.18 -8.49 3.31
C ALA A 321 -2.64 -8.70 3.66
N THR A 322 -3.55 -8.34 2.75
CA THR A 322 -4.97 -8.39 3.11
C THR A 322 -5.44 -9.84 3.25
N SER A 323 -5.02 -10.74 2.35
CA SER A 323 -5.52 -12.10 2.50
C SER A 323 -4.86 -12.78 3.69
N ALA A 324 -3.65 -12.35 4.06
CA ALA A 324 -3.05 -12.82 5.30
C ALA A 324 -3.90 -12.43 6.49
N TRP A 325 -4.29 -11.15 6.57
CA TRP A 325 -5.15 -10.70 7.66
C TRP A 325 -6.52 -11.38 7.64
N ILE A 326 -7.09 -11.65 6.45
CA ILE A 326 -8.39 -12.35 6.42
C ILE A 326 -8.26 -13.71 7.07
N LEU A 327 -7.24 -14.48 6.66
CA LEU A 327 -7.00 -15.78 7.25
C LEU A 327 -6.79 -15.68 8.75
N LEU A 328 -6.03 -14.68 9.19
CA LEU A 328 -5.70 -14.58 10.61
C LEU A 328 -6.93 -14.26 11.45
N HIS A 329 -7.79 -13.35 10.97
CA HIS A 329 -9.01 -13.04 11.71
C HIS A 329 -9.99 -14.21 11.70
N LEU A 330 -10.08 -14.93 10.58
CA LEU A 330 -11.01 -16.05 10.57
C LEU A 330 -10.50 -17.24 11.37
N ALA A 331 -9.19 -17.33 11.63
CA ALA A 331 -8.64 -18.47 12.36
C ALA A 331 -9.18 -18.55 13.79
N GLU A 332 -9.58 -17.43 14.39
CA GLU A 332 -10.23 -17.45 15.69
C GLU A 332 -11.72 -17.20 15.60
N ARG A 333 -12.31 -17.32 14.41
CA ARG A 333 -13.73 -17.06 14.22
C ARG A 333 -14.34 -18.20 13.40
N PRO A 334 -14.43 -19.39 13.98
CA PRO A 334 -15.15 -20.47 13.28
C PRO A 334 -16.59 -20.12 12.96
N ASP A 335 -17.22 -19.17 13.68
CA ASP A 335 -18.56 -18.72 13.31
C ASP A 335 -18.56 -18.04 11.95
N VAL A 336 -17.61 -17.15 11.71
CA VAL A 336 -17.51 -16.51 10.39
C VAL A 336 -17.21 -17.55 9.31
N GLN A 337 -16.28 -18.48 9.58
CA GLN A 337 -16.03 -19.52 8.59
C GLN A 337 -17.30 -20.30 8.27
N GLN A 338 -18.07 -20.64 9.30
CA GLN A 338 -19.30 -21.37 9.08
C GLN A 338 -20.29 -20.56 8.24
N GLU A 339 -20.51 -19.29 8.62
CA GLU A 339 -21.42 -18.42 7.87
C GLU A 339 -20.98 -18.29 6.42
N LEU A 340 -19.69 -18.07 6.22
CA LEU A 340 -19.17 -17.96 4.86
C LEU A 340 -19.39 -19.25 4.08
N TYR A 341 -19.16 -20.39 4.73
CA TYR A 341 -19.36 -21.67 4.05
C TYR A 341 -20.81 -21.85 3.63
N GLU A 342 -21.76 -21.48 4.49
CA GLU A 342 -23.16 -21.62 4.12
C GLU A 342 -23.50 -20.74 2.92
N GLU A 343 -22.97 -19.51 2.90
CA GLU A 343 -23.19 -18.66 1.76
C GLU A 343 -22.65 -19.31 0.48
N GLN A 344 -21.45 -19.90 0.57
CA GLN A 344 -20.89 -20.60 -0.60
C GLN A 344 -21.82 -21.71 -1.06
N MET A 345 -22.35 -22.51 -0.11
CA MET A 345 -23.21 -23.62 -0.50
C MET A 345 -24.50 -23.14 -1.13
N ARG A 346 -25.02 -22.01 -0.66
CA ARG A 346 -26.27 -21.49 -1.21
C ARG A 346 -26.04 -20.88 -2.59
N VAL A 347 -25.00 -20.04 -2.73
CA VAL A 347 -24.80 -19.36 -4.00
C VAL A 347 -24.34 -20.33 -5.08
N LEU A 348 -23.47 -21.29 -4.73
CA LEU A 348 -22.92 -22.22 -5.71
C LEU A 348 -23.64 -23.58 -5.73
N ASP A 349 -24.88 -23.62 -5.23
CA ASP A 349 -25.71 -24.84 -5.27
C ASP A 349 -24.93 -26.07 -4.79
N GLY A 350 -24.46 -25.98 -3.55
CA GLY A 350 -23.69 -27.06 -2.94
C GLY A 350 -22.37 -27.36 -3.62
N GLY A 351 -21.83 -26.44 -4.41
CA GLY A 351 -20.61 -26.69 -5.14
C GLY A 351 -20.80 -27.17 -6.56
N LYS A 352 -22.03 -27.48 -6.96
CA LYS A 352 -22.29 -27.93 -8.33
C LYS A 352 -22.21 -26.79 -9.34
N LYS A 353 -22.16 -25.54 -8.90
CA LYS A 353 -22.02 -24.40 -9.79
C LYS A 353 -20.57 -23.93 -9.81
N GLU A 354 -20.09 -23.56 -10.99
CA GLU A 354 -18.73 -23.04 -11.09
C GLU A 354 -18.70 -21.58 -10.67
N LEU A 355 -17.66 -21.22 -9.93
CA LEU A 355 -17.47 -19.83 -9.55
C LEU A 355 -17.29 -18.98 -10.80
N THR A 356 -18.07 -17.91 -10.90
CA THR A 356 -17.97 -16.91 -11.95
C THR A 356 -17.90 -15.54 -11.31
N TYR A 357 -17.50 -14.55 -12.10
CA TYR A 357 -17.46 -13.18 -11.61
C TYR A 357 -18.84 -12.71 -11.13
N ASP A 358 -19.90 -13.02 -11.89
CA ASP A 358 -21.23 -12.62 -11.47
C ASP A 358 -21.64 -13.28 -10.15
N LEU A 359 -21.28 -14.55 -9.95
CA LEU A 359 -21.66 -15.22 -8.70
C LEU A 359 -20.91 -14.63 -7.51
N LEU A 360 -19.67 -14.20 -7.71
CA LEU A 360 -18.94 -13.49 -6.66
C LEU A 360 -19.70 -12.29 -6.17
N GLN A 361 -20.40 -11.59 -7.06
CA GLN A 361 -21.18 -10.43 -6.65
C GLN A 361 -22.39 -10.82 -5.81
N GLU A 362 -22.80 -12.09 -5.87
CA GLU A 362 -23.90 -12.59 -5.05
C GLU A 362 -23.43 -13.19 -3.74
N MET A 363 -22.21 -12.85 -3.29
CA MET A 363 -21.64 -13.37 -2.05
C MET A 363 -21.37 -12.21 -1.10
N PRO A 364 -22.42 -11.61 -0.54
CA PRO A 364 -22.20 -10.42 0.28
C PRO A 364 -21.35 -10.66 1.50
N LEU A 365 -21.55 -11.77 2.23
CA LEU A 365 -20.78 -11.95 3.46
C LEU A 365 -19.29 -12.05 3.14
N LEU A 366 -18.94 -12.78 2.08
CA LEU A 366 -17.55 -12.88 1.65
C LEU A 366 -16.99 -11.50 1.38
N ASN A 367 -17.72 -10.69 0.62
CA ASN A 367 -17.26 -9.35 0.29
C ASN A 367 -17.21 -8.47 1.53
N GLN A 368 -18.17 -8.63 2.46
CA GLN A 368 -18.10 -7.87 3.70
C GLN A 368 -16.91 -8.28 4.54
N THR A 369 -16.46 -9.54 4.42
CA THR A 369 -15.28 -9.97 5.16
C THR A 369 -14.03 -9.26 4.65
N ILE A 370 -13.89 -9.16 3.34
CA ILE A 370 -12.82 -8.35 2.73
C ILE A 370 -12.94 -6.90 3.19
N LYS A 371 -14.14 -6.32 3.08
CA LYS A 371 -14.35 -4.94 3.50
C LYS A 371 -13.91 -4.70 4.93
N GLU A 372 -14.26 -5.63 5.82
CA GLU A 372 -13.98 -5.43 7.23
C GLU A 372 -12.51 -5.65 7.52
N THR A 373 -11.86 -6.57 6.79
CA THR A 373 -10.42 -6.71 6.97
C THR A 373 -9.71 -5.44 6.55
N LEU A 374 -10.13 -4.85 5.42
CA LEU A 374 -9.54 -3.58 4.99
C LEU A 374 -9.90 -2.43 5.94
N ARG A 375 -10.99 -2.54 6.70
CA ARG A 375 -11.20 -1.51 7.71
C ARG A 375 -10.14 -1.63 8.80
N MET A 376 -10.00 -2.83 9.34
CA MET A 376 -9.11 -2.99 10.48
C MET A 376 -7.65 -3.01 10.09
N HIS A 377 -7.35 -3.23 8.80
CA HIS A 377 -5.98 -3.43 8.35
C HIS A 377 -5.81 -2.71 7.01
N HIS A 378 -5.94 -1.39 7.03
CA HIS A 378 -5.59 -0.59 5.87
C HIS A 378 -4.12 -0.86 5.55
N PRO A 379 -3.82 -1.37 4.37
CA PRO A 379 -2.41 -1.72 4.07
C PRO A 379 -1.49 -0.54 4.12
N LEU A 380 -1.99 0.67 3.90
CA LEU A 380 -1.15 1.86 3.87
C LEU A 380 -1.58 2.78 5.01
N HIS A 381 -0.81 2.80 6.12
CA HIS A 381 -1.25 3.60 7.27
C HIS A 381 -1.07 5.10 7.08
N SER A 382 -0.16 5.53 6.22
CA SER A 382 0.09 6.93 5.97
C SER A 382 0.26 7.16 4.47
N LEU A 383 -0.45 8.13 3.92
CA LEU A 383 -0.21 8.58 2.56
C LEU A 383 0.33 10.01 2.61
N PHE A 384 1.25 10.34 1.69
CA PHE A 384 2.01 11.59 1.75
C PHE A 384 1.78 12.43 0.50
N ARG A 385 1.89 13.75 0.67
CA ARG A 385 2.04 14.71 -0.41
C ARG A 385 3.07 15.74 0.05
N LYS A 386 3.95 16.15 -0.88
CA LYS A 386 4.80 17.31 -0.60
C LYS A 386 4.03 18.58 -0.91
N VAL A 387 4.08 19.55 -0.01
CA VAL A 387 3.38 20.82 -0.19
C VAL A 387 4.19 21.69 -1.14
N MET A 388 3.56 22.12 -2.23
CA MET A 388 4.22 22.92 -3.27
C MET A 388 3.91 24.41 -3.16
N LYS A 389 2.72 24.77 -2.68
CA LYS A 389 2.31 26.15 -2.45
C LYS A 389 1.70 26.24 -1.07
N ASP A 390 1.89 27.40 -0.42
CA ASP A 390 1.27 27.63 0.88
C ASP A 390 -0.21 27.29 0.83
N MET A 391 -0.68 26.58 1.86
CA MET A 391 -2.07 26.15 1.96
C MET A 391 -2.68 26.70 3.23
N HIS A 392 -3.78 27.42 3.10
CA HIS A 392 -4.56 27.82 4.25
C HIS A 392 -5.48 26.67 4.65
N VAL A 393 -5.44 26.30 5.92
CA VAL A 393 -6.36 25.30 6.45
C VAL A 393 -7.68 26.00 6.75
N PRO A 394 -8.75 25.70 6.01
CA PRO A 394 -10.01 26.44 6.19
C PRO A 394 -10.56 26.31 7.60
N ASN A 395 -11.23 27.38 8.05
CA ASN A 395 -11.79 27.53 9.39
C ASN A 395 -10.72 27.59 10.47
N THR A 396 -9.45 27.79 10.09
CA THR A 396 -8.37 27.97 11.04
C THR A 396 -7.58 29.19 10.62
N SER A 397 -6.63 29.57 11.47
CA SER A 397 -5.61 30.54 11.10
C SER A 397 -4.37 29.88 10.51
N TYR A 398 -4.40 28.56 10.32
CA TYR A 398 -3.22 27.80 9.93
C TYR A 398 -2.87 28.01 8.47
N VAL A 399 -1.57 28.11 8.20
CA VAL A 399 -1.03 28.02 6.86
C VAL A 399 0.05 26.95 6.87
N ILE A 400 -0.04 26.01 5.92
CA ILE A 400 0.97 24.98 5.74
C ILE A 400 1.90 25.46 4.62
N PRO A 401 3.14 25.83 4.92
CA PRO A 401 3.99 26.42 3.88
C PRO A 401 4.58 25.37 2.98
N ALA A 402 4.90 25.79 1.75
CA ALA A 402 5.62 24.94 0.82
C ALA A 402 6.89 24.41 1.47
N GLY A 403 7.32 23.22 1.06
CA GLY A 403 8.40 22.54 1.72
C GLY A 403 7.96 21.62 2.85
N TYR A 404 6.78 21.84 3.41
CA TYR A 404 6.19 20.88 4.33
C TYR A 404 5.65 19.68 3.57
N HIS A 405 5.25 18.66 4.32
CA HIS A 405 4.50 17.54 3.79
C HIS A 405 3.18 17.43 4.54
N VAL A 406 2.14 17.00 3.82
CA VAL A 406 0.85 16.68 4.45
C VAL A 406 0.72 15.17 4.49
N LEU A 407 0.20 14.66 5.60
CA LEU A 407 0.03 13.23 5.81
C LEU A 407 -1.43 12.98 6.12
N VAL A 408 -2.05 12.07 5.36
CA VAL A 408 -3.42 11.67 5.59
C VAL A 408 -3.45 10.19 5.97
N SER A 409 -4.33 9.83 6.90
CA SER A 409 -4.38 8.47 7.45
C SER A 409 -5.81 7.98 7.58
N PRO A 410 -6.46 7.63 6.46
CA PRO A 410 -7.78 6.98 6.58
C PRO A 410 -7.74 5.74 7.44
N GLY A 411 -6.63 5.01 7.47
CA GLY A 411 -6.55 3.84 8.33
C GLY A 411 -6.71 4.16 9.81
N TYR A 412 -6.32 5.37 10.22
CA TYR A 412 -6.56 5.80 11.59
C TYR A 412 -8.05 5.95 11.87
N THR A 413 -8.79 6.56 10.94
CA THR A 413 -10.22 6.78 11.17
C THR A 413 -10.99 5.47 11.12
N HIS A 414 -10.54 4.53 10.29
CA HIS A 414 -11.12 3.19 10.26
C HIS A 414 -11.19 2.57 11.66
N LEU A 415 -10.28 2.94 12.55
CA LEU A 415 -10.16 2.36 13.87
C LEU A 415 -10.69 3.28 14.98
N ARG A 416 -11.48 4.29 14.64
CA ARG A 416 -12.09 5.19 15.63
C ARG A 416 -13.52 4.76 15.93
N ASP A 417 -13.80 4.56 17.22
CA ASP A 417 -15.15 4.20 17.67
C ASP A 417 -16.21 5.20 17.21
N GLU A 418 -15.87 6.49 17.13
CA GLU A 418 -16.86 7.49 16.70
C GLU A 418 -17.45 7.15 15.34
N TYR A 419 -16.67 6.54 14.46
CA TYR A 419 -17.18 6.21 13.14
C TYR A 419 -17.45 4.72 12.95
N PHE A 420 -16.81 3.86 13.73
CA PHE A 420 -17.05 2.42 13.63
C PHE A 420 -17.15 1.90 15.06
N PRO A 421 -18.36 1.80 15.59
CA PRO A 421 -18.50 1.45 17.01
C PRO A 421 -17.81 0.12 17.28
N ASN A 422 -17.09 0.06 18.40
CA ASN A 422 -16.32 -1.14 18.72
C ASN A 422 -15.28 -1.40 17.63
N ALA A 423 -14.53 -0.35 17.29
CA ALA A 423 -13.72 -0.40 16.07
C ALA A 423 -12.63 -1.45 16.12
N HIS A 424 -12.30 -1.98 17.29
CA HIS A 424 -11.28 -3.01 17.36
C HIS A 424 -11.86 -4.40 17.43
N GLN A 425 -13.18 -4.54 17.29
CA GLN A 425 -13.82 -5.82 17.07
C GLN A 425 -13.94 -6.05 15.56
N PHE A 426 -13.53 -7.23 15.12
CA PHE A 426 -13.76 -7.69 13.76
C PHE A 426 -15.20 -8.20 13.66
N ASN A 427 -16.02 -7.53 12.86
CA ASN A 427 -17.43 -7.91 12.76
C ASN A 427 -17.87 -7.62 11.33
N ILE A 428 -18.05 -8.67 10.53
CA ILE A 428 -18.38 -8.47 9.13
C ILE A 428 -19.81 -7.95 8.96
N HIS A 429 -20.66 -8.16 9.98
CA HIS A 429 -22.05 -7.72 9.90
C HIS A 429 -22.21 -6.23 10.13
N ARG A 430 -21.15 -5.52 10.48
CA ARG A 430 -21.28 -4.07 10.49
C ARG A 430 -21.56 -3.53 9.09
N TRP A 431 -21.34 -4.36 8.06
CA TRP A 431 -21.49 -3.99 6.65
C TRP A 431 -22.73 -4.59 6.01
N ASN A 432 -23.67 -5.10 6.79
CA ASN A 432 -24.91 -5.62 6.21
C ASN A 432 -25.59 -4.53 5.39
N ASN A 433 -26.21 -4.94 4.28
CA ASN A 433 -26.75 -4.04 3.25
C ASN A 433 -25.74 -2.96 2.81
N ASP A 434 -24.45 -3.21 3.01
CA ASP A 434 -23.40 -2.32 2.50
C ASP A 434 -22.13 -3.15 2.24
N SER A 435 -22.25 -4.12 1.35
CA SER A 435 -21.13 -5.00 1.01
C SER A 435 -20.32 -4.51 -0.17
N ALA A 436 -20.61 -3.32 -0.70
CA ALA A 436 -19.84 -2.79 -1.82
C ALA A 436 -18.41 -2.47 -1.37
N SER A 437 -17.46 -2.66 -2.28
CA SER A 437 -16.06 -2.40 -1.95
C SER A 437 -15.84 -0.94 -1.56
N SER A 438 -16.63 -0.04 -2.12
CA SER A 438 -16.60 1.40 -1.83
C SER A 438 -17.82 2.00 -2.51
N TYR A 439 -18.15 3.22 -2.12
CA TYR A 439 -19.34 3.84 -2.71
C TYR A 439 -19.14 5.33 -2.86
N SER A 440 -19.30 5.81 -4.10
CA SER A 440 -19.39 7.24 -4.38
C SER A 440 -20.79 7.68 -3.98
N VAL A 441 -20.90 8.49 -2.94
CA VAL A 441 -22.25 8.74 -2.45
C VAL A 441 -22.97 9.70 -3.38
N GLY A 442 -22.26 10.68 -3.94
CA GLY A 442 -22.91 11.66 -4.81
C GLY A 442 -22.19 11.99 -6.10
N GLU A 443 -21.75 13.24 -6.24
CA GLU A 443 -21.20 13.75 -7.50
C GLU A 443 -19.84 13.12 -7.81
N GLU A 444 -19.52 13.06 -9.09
CA GLU A 444 -18.30 12.40 -9.56
C GLU A 444 -17.47 13.36 -10.41
N VAL A 445 -16.20 12.98 -10.62
CA VAL A 445 -15.24 13.80 -11.37
C VAL A 445 -14.25 12.85 -12.05
N ASP A 446 -13.66 13.31 -13.15
CA ASP A 446 -12.70 12.52 -13.94
C ASP A 446 -11.38 13.27 -13.99
N TYR A 447 -10.33 12.67 -13.42
CA TYR A 447 -9.00 13.27 -13.49
C TYR A 447 -8.20 12.77 -14.69
N GLY A 448 -8.78 11.87 -15.48
CA GLY A 448 -8.07 11.32 -16.62
C GLY A 448 -8.18 9.82 -16.68
N PHE A 449 -8.71 9.19 -15.62
CA PHE A 449 -8.80 7.73 -15.64
C PHE A 449 -10.20 7.22 -15.31
N GLY A 450 -11.22 8.07 -15.44
CA GLY A 450 -12.58 7.62 -15.23
C GLY A 450 -13.25 8.39 -14.10
N ALA A 451 -14.58 8.47 -14.14
CA ALA A 451 -15.31 9.23 -13.15
C ALA A 451 -15.19 8.56 -11.79
N ILE A 452 -14.79 9.33 -10.78
CA ILE A 452 -14.71 8.83 -9.42
C ILE A 452 -15.41 9.84 -8.51
N SER A 453 -15.67 9.42 -7.27
CA SER A 453 -16.35 10.27 -6.31
C SER A 453 -15.66 11.62 -6.18
N LYS A 454 -16.46 12.70 -6.22
CA LYS A 454 -15.91 14.04 -6.06
C LYS A 454 -15.52 14.31 -4.61
N GLY A 455 -16.35 13.86 -3.67
CA GLY A 455 -16.03 13.99 -2.26
C GLY A 455 -15.23 12.80 -1.74
N VAL A 456 -14.35 13.07 -0.77
CA VAL A 456 -13.57 12.03 -0.13
C VAL A 456 -13.72 12.14 1.37
N SER A 457 -14.91 12.53 1.83
CA SER A 457 -15.20 12.69 3.25
C SER A 457 -15.55 11.40 3.95
N SER A 458 -15.73 10.30 3.21
CA SER A 458 -16.10 9.04 3.85
C SER A 458 -15.08 8.69 4.93
N PRO A 459 -15.54 8.29 6.13
CA PRO A 459 -14.58 7.79 7.12
C PRO A 459 -13.90 6.50 6.69
N TYR A 460 -14.48 5.79 5.73
CA TYR A 460 -13.93 4.55 5.19
C TYR A 460 -13.34 4.87 3.82
N LEU A 461 -12.01 4.85 3.72
CA LEU A 461 -11.32 5.04 2.43
C LEU A 461 -10.15 4.07 2.33
N PRO A 462 -10.43 2.77 2.18
CA PRO A 462 -9.34 1.83 1.95
C PRO A 462 -8.57 2.08 0.65
N PHE A 463 -9.20 2.73 -0.35
CA PHE A 463 -8.58 2.92 -1.67
C PHE A 463 -8.22 4.38 -1.93
N GLY A 464 -8.16 5.19 -0.87
CA GLY A 464 -7.84 6.60 -1.02
C GLY A 464 -8.95 7.35 -1.74
N GLY A 465 -8.56 8.45 -2.38
CA GLY A 465 -9.52 9.23 -3.13
C GLY A 465 -8.84 10.37 -3.86
N GLY A 466 -9.63 11.04 -4.71
CA GLY A 466 -9.07 12.11 -5.52
C GLY A 466 -8.15 11.56 -6.61
N ARG A 467 -7.33 12.45 -7.16
CA ARG A 467 -6.60 12.09 -8.39
C ARG A 467 -5.67 10.90 -8.21
N HIS A 468 -5.25 10.60 -6.98
CA HIS A 468 -4.33 9.51 -6.72
C HIS A 468 -5.04 8.23 -6.30
N ARG A 469 -6.36 8.19 -6.47
CA ARG A 469 -7.16 7.06 -5.97
C ARG A 469 -6.74 5.77 -6.65
N CYS A 470 -6.95 4.67 -5.93
CA CYS A 470 -6.60 3.36 -6.45
C CYS A 470 -7.47 3.01 -7.65
N ILE A 471 -6.88 2.31 -8.62
CA ILE A 471 -7.67 1.75 -9.71
C ILE A 471 -7.70 0.22 -9.67
N GLY A 472 -7.07 -0.39 -8.67
CA GLY A 472 -7.05 -1.84 -8.53
C GLY A 472 -8.12 -2.40 -7.61
N GLU A 473 -9.06 -1.58 -7.16
CA GLU A 473 -10.03 -2.03 -6.17
C GLU A 473 -10.82 -3.24 -6.65
N HIS A 474 -11.34 -3.19 -7.89
CA HIS A 474 -12.13 -4.32 -8.36
C HIS A 474 -11.28 -5.55 -8.68
N PHE A 475 -10.05 -5.34 -9.16
CA PHE A 475 -9.16 -6.49 -9.31
C PHE A 475 -8.89 -7.15 -7.95
N ALA A 476 -8.57 -6.33 -6.94
CA ALA A 476 -8.29 -6.84 -5.61
C ALA A 476 -9.46 -7.65 -5.06
N TYR A 477 -10.69 -7.10 -5.18
CA TYR A 477 -11.85 -7.84 -4.71
C TYR A 477 -12.07 -9.11 -5.53
N CYS A 478 -11.79 -9.05 -6.84
CA CYS A 478 -11.92 -10.26 -7.65
C CYS A 478 -10.94 -11.33 -7.18
N GLN A 479 -9.67 -10.93 -7.03
CA GLN A 479 -8.63 -11.85 -6.62
C GLN A 479 -8.87 -12.36 -5.21
N LEU A 480 -9.06 -11.45 -4.25
CA LEU A 480 -9.34 -11.88 -2.88
C LEU A 480 -10.59 -12.72 -2.80
N GLY A 481 -11.60 -12.42 -3.62
CA GLY A 481 -12.86 -13.13 -3.53
C GLY A 481 -12.75 -14.57 -4.02
N VAL A 482 -12.14 -14.76 -5.20
CA VAL A 482 -11.90 -16.11 -5.68
C VAL A 482 -11.07 -16.89 -4.67
N LEU A 483 -9.98 -16.29 -4.21
CA LEU A 483 -9.07 -16.99 -3.30
C LEU A 483 -9.80 -17.41 -2.02
N MET A 484 -10.57 -16.49 -1.44
CA MET A 484 -11.24 -16.81 -0.17
C MET A 484 -12.42 -17.75 -0.38
N SER A 485 -13.14 -17.63 -1.51
CA SER A 485 -14.18 -18.61 -1.83
C SER A 485 -13.62 -20.03 -1.82
N ILE A 486 -12.46 -20.21 -2.43
CA ILE A 486 -11.91 -21.56 -2.53
C ILE A 486 -11.34 -22.03 -1.19
N PHE A 487 -10.67 -21.13 -0.46
CA PHE A 487 -10.16 -21.46 0.87
C PHE A 487 -11.32 -21.96 1.76
N ILE A 488 -12.42 -21.21 1.75
CA ILE A 488 -13.56 -21.52 2.61
C ILE A 488 -14.20 -22.85 2.23
N ARG A 489 -14.41 -23.06 0.92
CA ARG A 489 -15.02 -24.29 0.46
C ARG A 489 -14.12 -25.51 0.68
N THR A 490 -12.81 -25.30 0.78
CA THR A 490 -11.87 -26.42 0.80
C THR A 490 -11.34 -26.73 2.19
N LEU A 491 -11.07 -25.70 2.99
CA LEU A 491 -10.38 -25.87 4.26
C LEU A 491 -11.20 -25.25 5.39
N LYS A 492 -10.98 -25.79 6.59
CA LYS A 492 -11.20 -25.05 7.83
C LYS A 492 -9.84 -24.77 8.43
N TRP A 493 -9.73 -23.73 9.23
CA TRP A 493 -8.45 -23.46 9.86
C TRP A 493 -8.63 -22.79 11.22
N HIS A 494 -7.59 -22.90 12.04
CA HIS A 494 -7.61 -22.40 13.43
C HIS A 494 -6.19 -22.08 13.87
N TYR A 495 -6.08 -21.48 15.11
CA TYR A 495 -4.75 -21.15 15.62
C TYR A 495 -4.14 -22.32 16.40
N PRO A 496 -2.81 -22.45 16.44
CA PRO A 496 -2.20 -23.29 17.46
C PRO A 496 -2.56 -22.75 18.84
N GLU A 497 -2.52 -23.64 19.84
CA GLU A 497 -3.00 -23.30 21.19
C GLU A 497 -2.32 -22.04 21.72
N GLY A 498 -3.13 -21.12 22.24
CA GLY A 498 -2.61 -19.92 22.85
C GLY A 498 -2.27 -18.78 21.91
N LYS A 499 -2.35 -18.98 20.59
CA LYS A 499 -2.03 -17.93 19.63
C LYS A 499 -3.28 -17.18 19.20
N THR A 500 -3.09 -15.91 18.84
CA THR A 500 -4.21 -15.09 18.38
C THR A 500 -3.71 -14.18 17.25
N VAL A 501 -4.55 -13.23 16.85
CA VAL A 501 -4.22 -12.29 15.77
C VAL A 501 -2.99 -11.50 16.18
N PRO A 502 -1.93 -11.49 15.39
CA PRO A 502 -0.74 -10.72 15.73
C PRO A 502 -0.95 -9.24 15.47
N PRO A 503 -0.11 -8.38 16.05
CA PRO A 503 -0.19 -6.95 15.75
C PRO A 503 0.53 -6.63 14.45
N PRO A 504 0.23 -5.50 13.82
CA PRO A 504 0.80 -5.20 12.51
C PRO A 504 2.25 -4.74 12.60
N ASP A 505 2.92 -4.81 11.45
CA ASP A 505 4.27 -4.26 11.26
C ASP A 505 4.11 -2.92 10.54
N PHE A 506 4.29 -1.82 11.26
CA PHE A 506 4.08 -0.51 10.67
C PHE A 506 5.33 0.05 10.00
N THR A 507 6.43 -0.69 9.98
CA THR A 507 7.67 -0.25 9.36
C THR A 507 7.91 -0.90 8.00
N SER A 508 7.02 -1.78 7.57
CA SER A 508 7.12 -2.42 6.25
C SER A 508 6.38 -1.57 5.22
N MET A 509 6.44 -1.99 3.95
CA MET A 509 5.76 -1.25 2.90
C MET A 509 4.25 -1.22 3.11
N VAL A 510 3.69 -2.33 3.61
CA VAL A 510 2.29 -2.42 4.01
C VAL A 510 2.21 -2.88 5.46
N THR A 511 1.05 -2.66 6.10
CA THR A 511 0.87 -2.99 7.52
C THR A 511 0.64 -4.49 7.72
N LEU A 512 1.62 -5.28 7.26
CA LEU A 512 1.47 -6.73 7.29
C LEU A 512 1.60 -7.27 8.73
N PRO A 513 1.14 -8.50 8.97
CA PRO A 513 1.17 -9.04 10.34
C PRO A 513 2.57 -9.41 10.77
N THR A 514 2.88 -9.13 12.03
CA THR A 514 4.17 -9.56 12.56
C THR A 514 4.20 -11.07 12.69
N GLY A 515 5.31 -11.67 12.31
CA GLY A 515 5.40 -13.11 12.20
C GLY A 515 6.19 -13.76 13.31
N PRO A 516 6.33 -15.09 13.25
CA PRO A 516 5.66 -16.00 12.30
C PRO A 516 4.18 -16.12 12.64
N ALA A 517 3.31 -15.91 11.67
CA ALA A 517 1.85 -15.89 11.88
C ALA A 517 1.31 -17.20 11.32
N LYS A 518 1.14 -18.19 12.18
CA LYS A 518 0.86 -19.54 11.76
C LYS A 518 -0.59 -19.90 12.02
N ILE A 519 -1.19 -20.60 11.06
CA ILE A 519 -2.50 -21.21 11.25
C ILE A 519 -2.38 -22.69 10.90
N ILE A 520 -3.33 -23.46 11.41
CA ILE A 520 -3.43 -24.88 11.15
C ILE A 520 -4.66 -25.09 10.27
N TRP A 521 -4.47 -25.73 9.13
CA TRP A 521 -5.57 -26.00 8.22
C TRP A 521 -5.92 -27.47 8.23
N GLU A 522 -7.15 -27.77 7.81
CA GLU A 522 -7.55 -29.14 7.63
C GLU A 522 -8.57 -29.19 6.50
N LYS A 523 -8.52 -30.26 5.73
CA LYS A 523 -9.44 -30.41 4.61
C LYS A 523 -10.86 -30.63 5.11
N ARG A 524 -11.83 -29.89 4.55
CA ARG A 524 -13.23 -30.17 4.88
C ARG A 524 -13.63 -31.53 4.33
N ASN A 525 -13.07 -31.93 3.18
CA ASN A 525 -13.33 -33.24 2.57
C ASN A 525 -11.97 -33.90 2.40
N PRO A 526 -11.53 -34.69 3.39
CA PRO A 526 -10.18 -35.26 3.34
C PRO A 526 -9.90 -36.08 2.09
N GLU A 527 -10.92 -36.63 1.44
CA GLU A 527 -10.76 -37.45 0.26
C GLU A 527 -10.86 -36.66 -1.04
N GLN A 528 -11.15 -35.37 -0.98
CA GLN A 528 -11.13 -34.53 -2.17
C GLN A 528 -9.76 -34.59 -2.83
N LYS A 529 -9.74 -34.79 -4.13
CA LYS A 529 -8.50 -34.78 -4.89
C LYS A 529 -8.53 -33.62 -5.86
N ILE A 530 -7.36 -33.04 -6.11
CA ILE A 530 -7.18 -31.99 -7.10
C ILE A 530 -6.48 -32.61 -8.31
N GLY A 531 -7.16 -32.59 -9.45
CA GLY A 531 -6.67 -33.25 -10.65
C GLY A 531 -5.53 -32.49 -11.31
N GLY A 532 -5.22 -32.91 -12.53
CA GLY A 532 -4.16 -32.29 -13.32
C GLY A 532 -2.81 -32.90 -13.04
CHA HEM B . -3.37 3.89 -5.34
CHB HEM B . -4.98 1.02 -1.80
CHC HEM B . -4.70 -2.88 -4.57
CHD HEM B . -2.91 -0.05 -8.08
C1A HEM B . -3.83 3.45 -4.13
C2A HEM B . -4.09 4.29 -2.97
C3A HEM B . -4.54 3.49 -2.00
C4A HEM B . -4.57 2.13 -2.51
CMA HEM B . -4.95 3.92 -0.57
CAA HEM B . -3.88 5.82 -2.88
CBA HEM B . -2.39 6.13 -2.65
CGA HEM B . -2.11 7.57 -2.29
O1A HEM B . -0.91 7.91 -2.03
O2A HEM B . -3.05 8.40 -2.26
C1B HEM B . -5.11 -0.28 -2.22
C2B HEM B . -5.68 -1.39 -1.47
C3B HEM B . -5.57 -2.49 -2.25
C4B HEM B . -4.96 -2.09 -3.50
CMB HEM B . -6.26 -1.23 -0.03
CAB HEM B . -5.99 -3.96 -2.08
CBB HEM B . -6.79 -4.36 -1.10
C1C HEM B . -4.23 -2.45 -5.77
C2C HEM B . -4.06 -3.27 -6.93
C3C HEM B . -3.56 -2.50 -7.90
C4C HEM B . -3.40 -1.15 -7.39
CMC HEM B . -4.42 -4.78 -6.96
CAC HEM B . -3.21 -2.86 -9.37
CBC HEM B . -3.68 -3.94 -10.00
C1D HEM B . -2.93 1.27 -7.69
C2D HEM B . -2.65 2.44 -8.51
C3D HEM B . -2.77 3.55 -7.75
C4D HEM B . -3.16 3.09 -6.43
CMD HEM B . -2.25 2.39 -10.01
CAD HEM B . -2.59 5.03 -8.17
CBD HEM B . -1.41 5.69 -7.46
CGD HEM B . -1.41 7.19 -7.66
O1D HEM B . -2.32 7.67 -8.38
O2D HEM B . -0.52 7.90 -7.12
NA HEM B . -4.11 2.13 -3.81
NB HEM B . -4.68 -0.76 -3.42
NC HEM B . -3.84 -1.16 -6.06
ND HEM B . -3.25 1.72 -6.43
FE HEM B . -4.02 0.49 -4.91
C2 A1AB6 C . 1.38 2.75 -4.13
C4 A1AB6 C . 1.11 1.50 -3.25
C5 A1AB6 C . 1.45 2.33 -5.60
N9 A1AB6 C . -0.03 -0.44 -4.19
C8 A1AB6 C . -1.35 1.23 -3.67
N7 A1AB6 C . -0.09 0.81 -3.67
N6 A1AB6 C . 2.77 3.80 -2.33
C11 A1AB6 C . -1.29 -0.67 -4.49
C12 A1AB6 C . 0.66 2.95 -6.55
C13 A1AB6 C . 2.32 1.35 -6.06
C14 A1AB6 C . 0.74 2.63 -7.90
C15 A1AB6 C . 1.61 1.63 -8.27
C17 A1AB6 C . 2.42 0.97 -7.37
C19 A1AB6 C . 3.47 3.00 -1.52
C20 A1AB6 C . 3.67 3.44 -0.10
C21 A1AB6 C . 3.31 4.61 0.54
C22 A1AB6 C . 3.68 4.84 1.86
C23 A1AB6 C . 4.41 3.88 2.57
C24 A1AB6 C . 4.75 2.70 1.92
C25 A1AB6 C . 4.37 2.48 0.60
C27 A1AB6 C . 4.79 4.08 3.99
C28 A1AB6 C . 4.76 5.34 4.59
C29 A1AB6 C . 5.10 5.51 5.92
C3 A1AB6 C . 2.66 3.49 -3.75
C30 A1AB6 C . 5.51 4.42 6.68
C31 A1AB6 C . 5.56 3.16 6.09
C32 A1AB6 C . 5.20 2.99 4.76
C34 A1AB6 C . 7.20 4.65 8.28
F16 A1AB6 C . 1.65 1.26 -9.56
F18 A1AB6 C . 3.15 0.74 -5.18
F35 A1AB6 C . 7.95 3.67 7.80
F36 A1AB6 C . 7.40 4.71 9.58
F37 A1AB6 C . 7.67 5.78 7.75
N10 A1AB6 C . -2.15 0.33 -4.19
O1 A1AB6 C . 0.29 3.65 -3.92
O26 A1AB6 C . 3.96 1.95 -1.92
O33 A1AB6 C . 5.89 4.51 8.03
OH2 1PE D . 11.33 -19.75 -19.06
C12 1PE D . 12.70 -19.55 -18.75
C22 1PE D . 12.96 -18.16 -18.23
OH3 1PE D . 13.03 -17.23 -19.31
C13 1PE D . 13.53 -14.99 -20.05
C23 1PE D . 13.45 -15.93 -18.88
OH4 1PE D . 12.35 -15.09 -20.86
C14 1PE D . 11.31 -14.19 -22.83
C24 1PE D . 12.10 -13.91 -21.60
OH5 1PE D . 10.13 -14.93 -22.52
C15 1PE D . 8.03 -15.86 -23.25
C25 1PE D . 9.27 -15.14 -23.64
OH6 1PE D . 8.31 -17.22 -22.94
C16 1PE D . 7.56 -19.35 -22.10
C26 1PE D . 7.23 -17.90 -22.33
OH7 1PE D . 8.28 -19.54 -20.88
C1B LMT E . -10.10 -6.64 -21.82
C2B LMT E . -9.34 -5.47 -22.47
C3B LMT E . -8.01 -5.96 -23.09
C4B LMT E . -7.21 -6.79 -22.07
C5B LMT E . -8.13 -7.88 -21.49
C6B LMT E . -7.39 -8.71 -20.47
O1B LMT E . -10.52 -7.53 -22.80
O2B LMT E . -10.14 -4.88 -23.45
O3B LMT E . -7.31 -4.89 -23.59
O4' LMT E . -6.11 -7.40 -22.68
O5B LMT E . -9.28 -7.32 -20.91
O6B LMT E . -7.02 -7.91 -19.41
C1' LMT E . -13.69 -9.47 -24.51
C2' LMT E . -13.83 -7.94 -24.48
C3' LMT E . -12.46 -7.31 -24.15
C4' LMT E . -11.88 -7.90 -22.86
C5' LMT E . -11.92 -9.45 -23.00
C6' LMT E . -11.34 -10.17 -21.81
O1' LMT E . -14.90 -10.06 -24.75
O2' LMT E . -14.23 -7.49 -25.71
O3' LMT E . -12.59 -5.95 -24.04
O5' LMT E . -13.23 -9.91 -23.25
O6' LMT E . -11.12 -11.45 -22.21
C1 LMT E . -15.93 -9.69 -23.86
C2 LMT E . -17.08 -9.24 -24.72
C3 LMT E . -18.31 -10.10 -24.68
C4 LMT E . -18.39 -10.82 -26.00
C5 LMT E . -19.67 -11.57 -26.08
C6 LMT E . -20.69 -10.87 -26.92
C7 LMT E . -22.00 -11.62 -26.87
C8 LMT E . -22.88 -11.15 -27.98
C9 LMT E . -24.17 -11.90 -28.10
C10 LMT E . -23.97 -12.99 -29.13
C11 LMT E . -24.79 -14.19 -28.84
C12 LMT E . -26.24 -13.95 -29.10
#